data_3EY8
#
_entry.id   3EY8
#
_cell.length_a   38.851
_cell.length_b   62.087
_cell.length_c   98.055
_cell.angle_alpha   90.00
_cell.angle_beta   90.00
_cell.angle_gamma   90.00
#
_symmetry.space_group_name_H-M   'P 21 21 21'
#
loop_
_entity.id
_entity.type
_entity.pdbx_description
1 polymer 'Biphenyl-2,3-diol 1,2-dioxygenase III-related protein'
2 non-polymer 'SULFATE ION'
3 water water
#
_entity_poly.entity_id   1
_entity_poly.type   'polypeptide(L)'
_entity_poly.pdbx_seq_one_letter_code
;G(MSE)EFL(MSE)KISHLDHLVLTVADIPTTTKFYEKVLG(MSE)KAVSFGSGRIALEFGHQKINLHQLGHEFEPKAQN
VRTGSADLCFITDIDLSDA(MSE)EYVENQGVVI(MSE)EGPVKRTGAQGAITSFYFRDPDGNLIEVSTYSNT
;
_entity_poly.pdbx_strand_id   A,B
#
loop_
_chem_comp.id
_chem_comp.type
_chem_comp.name
_chem_comp.formula
SO4 non-polymer 'SULFATE ION' 'O4 S -2'
#
# COMPACT_ATOMS: atom_id res chain seq x y z
N PHE A 4 3.21 18.76 19.89
CA PHE A 4 3.18 17.35 19.50
C PHE A 4 3.88 17.13 18.16
N LEU A 5 4.71 16.09 18.12
CA LEU A 5 5.30 15.65 16.85
C LEU A 5 4.48 14.46 16.35
N MSE A 6 3.66 14.71 15.33
CA MSE A 6 2.84 13.68 14.72
C MSE A 6 3.72 12.55 14.15
O MSE A 6 4.81 12.81 13.68
CB MSE A 6 1.99 14.29 13.60
CG MSE A 6 1.02 13.31 12.95
SE MSE A 6 -0.24 12.56 14.24
CE MSE A 6 -0.90 11.10 13.17
N LYS A 7 3.23 11.32 14.22
CA LYS A 7 4.02 10.17 13.79
C LYS A 7 3.18 8.96 13.42
N ILE A 8 3.62 8.25 12.39
CA ILE A 8 3.00 7.02 11.88
C ILE A 8 3.97 5.86 12.07
N SER A 9 3.47 4.74 12.59
CA SER A 9 4.32 3.57 12.83
C SER A 9 4.43 2.66 11.62
N HIS A 10 3.32 2.45 10.92
CA HIS A 10 3.34 1.56 9.77
C HIS A 10 2.03 1.62 8.98
N LEU A 11 2.04 0.97 7.82
N LEU A 11 2.04 0.97 7.82
CA LEU A 11 0.83 0.84 7.02
CA LEU A 11 0.82 0.86 7.02
C LEU A 11 0.10 -0.42 7.46
C LEU A 11 0.08 -0.42 7.40
N ASP A 12 -1.19 -0.27 7.80
CA ASP A 12 -1.99 -1.42 8.19
C ASP A 12 -2.56 -2.15 6.98
N HIS A 13 -3.13 -1.37 6.07
CA HIS A 13 -3.70 -1.95 4.87
C HIS A 13 -3.86 -0.88 3.81
N LEU A 14 -4.29 -1.32 2.64
CA LEU A 14 -4.61 -0.42 1.54
C LEU A 14 -5.76 -1.04 0.78
N VAL A 15 -6.42 -0.24 -0.06
CA VAL A 15 -7.55 -0.74 -0.84
C VAL A 15 -7.19 -0.78 -2.32
N LEU A 16 -7.38 -1.95 -2.94
CA LEU A 16 -7.29 -2.06 -4.39
C LEU A 16 -8.69 -2.13 -4.97
N THR A 17 -8.97 -1.35 -6.01
CA THR A 17 -10.21 -1.48 -6.73
C THR A 17 -9.96 -2.33 -7.95
N VAL A 18 -10.71 -3.42 -8.07
CA VAL A 18 -10.44 -4.43 -9.09
C VAL A 18 -11.68 -4.72 -9.93
N ALA A 19 -11.47 -5.21 -11.14
CA ALA A 19 -12.60 -5.50 -12.02
C ALA A 19 -13.47 -6.61 -11.44
N ASP A 20 -12.83 -7.60 -10.82
CA ASP A 20 -13.55 -8.80 -10.40
C ASP A 20 -12.89 -9.36 -9.15
N ILE A 21 -13.59 -9.26 -8.02
CA ILE A 21 -13.06 -9.74 -6.75
C ILE A 21 -12.68 -11.23 -6.73
N PRO A 22 -13.57 -12.10 -7.24
CA PRO A 22 -13.21 -13.52 -7.24
C PRO A 22 -11.93 -13.82 -8.03
N THR A 23 -11.75 -13.15 -9.17
CA THR A 23 -10.56 -13.37 -9.98
C THR A 23 -9.33 -12.91 -9.24
N THR A 24 -9.43 -11.76 -8.59
CA THR A 24 -8.32 -11.22 -7.83
C THR A 24 -7.97 -12.10 -6.63
N THR A 25 -8.97 -12.55 -5.90
N THR A 25 -9.00 -12.56 -5.94
CA THR A 25 -8.69 -13.39 -4.73
CA THR A 25 -8.84 -13.39 -4.77
C THR A 25 -8.00 -14.69 -5.14
C THR A 25 -8.11 -14.70 -5.09
N LYS A 26 -8.53 -15.35 -6.18
CA LYS A 26 -7.91 -16.59 -6.62
C LYS A 26 -6.45 -16.35 -6.99
N PHE A 27 -6.19 -15.24 -7.67
CA PHE A 27 -4.82 -14.90 -8.07
C PHE A 27 -3.89 -14.74 -6.86
N TYR A 28 -4.27 -13.89 -5.91
CA TYR A 28 -3.39 -13.63 -4.78
C TYR A 28 -3.23 -14.84 -3.86
N GLU A 29 -4.28 -15.63 -3.72
CA GLU A 29 -4.14 -16.88 -2.95
C GLU A 29 -3.14 -17.84 -3.61
N LYS A 30 -3.30 -18.06 -4.92
CA LYS A 30 -2.47 -19.04 -5.61
C LYS A 30 -1.04 -18.55 -5.82
N VAL A 31 -0.91 -17.30 -6.27
CA VAL A 31 0.39 -16.77 -6.68
C VAL A 31 1.26 -16.28 -5.51
N LEU A 32 0.63 -15.68 -4.50
CA LEU A 32 1.39 -15.11 -3.37
C LEU A 32 1.09 -15.75 -2.02
N GLY A 33 0.22 -16.75 -2.00
CA GLY A 33 -0.06 -17.48 -0.78
C GLY A 33 -0.88 -16.72 0.26
N MSE A 34 -1.55 -15.66 -0.19
CA MSE A 34 -2.34 -14.84 0.72
C MSE A 34 -3.63 -15.55 1.10
O MSE A 34 -4.03 -16.52 0.44
CB MSE A 34 -2.61 -13.48 0.09
CG MSE A 34 -1.33 -12.71 -0.15
SE MSE A 34 -1.69 -10.90 -0.68
CE MSE A 34 0.14 -10.25 -0.86
N LYS A 35 -4.26 -15.09 2.17
CA LYS A 35 -5.48 -15.72 2.65
C LYS A 35 -6.63 -14.76 2.46
N ALA A 36 -7.63 -15.19 1.70
CA ALA A 36 -8.81 -14.37 1.46
C ALA A 36 -9.77 -14.53 2.61
N VAL A 37 -10.19 -13.41 3.20
CA VAL A 37 -11.09 -13.44 4.36
C VAL A 37 -12.27 -12.48 4.19
N SER A 38 -13.39 -12.80 4.83
CA SER A 38 -14.54 -11.90 4.88
C SER A 38 -14.43 -11.01 6.10
N PHE A 39 -14.86 -9.75 5.95
CA PHE A 39 -14.92 -8.85 7.10
C PHE A 39 -15.97 -7.80 6.86
N GLY A 40 -16.31 -7.05 7.91
CA GLY A 40 -17.22 -5.94 7.76
C GLY A 40 -18.56 -6.34 7.16
N SER A 41 -19.10 -5.47 6.33
CA SER A 41 -20.38 -5.72 5.68
C SER A 41 -20.16 -6.28 4.29
N GLY A 42 -20.01 -7.60 4.20
CA GLY A 42 -19.87 -8.28 2.92
C GLY A 42 -18.57 -7.95 2.20
N ARG A 43 -17.52 -7.60 2.96
CA ARG A 43 -16.26 -7.23 2.34
C ARG A 43 -15.26 -8.38 2.28
N ILE A 44 -14.25 -8.22 1.43
CA ILE A 44 -13.22 -9.23 1.26
C ILE A 44 -11.83 -8.59 1.39
N ALA A 45 -10.93 -9.28 2.08
CA ALA A 45 -9.54 -8.82 2.18
C ALA A 45 -8.57 -9.97 1.94
N LEU A 46 -7.34 -9.63 1.59
CA LEU A 46 -6.26 -10.61 1.45
C LEU A 46 -5.23 -10.40 2.56
N GLU A 47 -5.05 -11.41 3.41
CA GLU A 47 -4.13 -11.30 4.53
C GLU A 47 -2.71 -11.79 4.19
N PHE A 48 -1.73 -11.05 4.67
CA PHE A 48 -0.33 -11.48 4.62
C PHE A 48 0.40 -10.87 5.82
N GLY A 49 1.23 -11.66 6.47
CA GLY A 49 1.89 -11.18 7.68
C GLY A 49 0.89 -10.57 8.65
N HIS A 50 1.15 -9.34 9.09
CA HIS A 50 0.20 -8.63 9.95
C HIS A 50 -0.42 -7.44 9.22
N GLN A 51 -0.58 -7.58 7.91
CA GLN A 51 -1.19 -6.52 7.11
C GLN A 51 -2.27 -7.14 6.25
N LYS A 52 -2.97 -6.32 5.49
CA LYS A 52 -3.93 -6.87 4.53
C LYS A 52 -4.16 -5.91 3.37
N ILE A 53 -4.71 -6.44 2.29
CA ILE A 53 -5.20 -5.63 1.18
C ILE A 53 -6.72 -5.77 1.12
N ASN A 54 -7.43 -4.67 1.29
CA ASN A 54 -8.89 -4.66 1.15
C ASN A 54 -9.24 -4.55 -0.32
N LEU A 55 -10.24 -5.30 -0.75
CA LEU A 55 -10.67 -5.24 -2.14
C LEU A 55 -12.02 -4.55 -2.34
N HIS A 56 -12.11 -3.75 -3.39
N HIS A 56 -12.10 -3.69 -3.35
CA HIS A 56 -13.40 -3.20 -3.79
CA HIS A 56 -13.38 -3.18 -3.82
C HIS A 56 -13.62 -3.46 -5.29
C HIS A 56 -13.57 -3.66 -5.25
N GLN A 57 -14.80 -3.94 -5.63
CA GLN A 57 -15.09 -4.25 -7.02
C GLN A 57 -15.50 -2.97 -7.75
N LEU A 58 -14.84 -2.70 -8.87
CA LEU A 58 -15.16 -1.52 -9.67
C LEU A 58 -16.66 -1.45 -9.94
N GLY A 59 -17.25 -0.31 -9.65
CA GLY A 59 -18.66 -0.10 -9.93
C GLY A 59 -19.56 -0.34 -8.73
N HIS A 60 -19.08 -1.08 -7.74
CA HIS A 60 -19.88 -1.30 -6.55
C HIS A 60 -19.86 -0.06 -5.66
N GLU A 61 -20.99 0.19 -4.99
CA GLU A 61 -21.11 1.36 -4.15
C GLU A 61 -20.31 1.21 -2.85
N PHE A 62 -19.36 2.11 -2.64
CA PHE A 62 -18.71 2.21 -1.34
C PHE A 62 -18.18 3.62 -1.10
N GLU A 63 -18.30 4.09 0.13
CA GLU A 63 -17.80 5.41 0.50
C GLU A 63 -17.20 5.37 1.90
N PRO A 64 -16.08 6.08 2.11
CA PRO A 64 -15.36 6.89 1.11
C PRO A 64 -14.31 6.04 0.41
N LYS A 65 -13.82 6.53 -0.72
CA LYS A 65 -12.77 5.83 -1.45
C LYS A 65 -11.79 6.84 -2.05
N ALA A 66 -10.84 6.36 -2.84
CA ALA A 66 -9.90 7.24 -3.50
C ALA A 66 -10.67 8.25 -4.36
N GLN A 67 -10.13 9.45 -4.53
CA GLN A 67 -10.78 10.45 -5.34
C GLN A 67 -10.95 9.96 -6.78
N ASN A 68 -9.89 9.35 -7.29
CA ASN A 68 -9.87 8.80 -8.64
C ASN A 68 -9.62 7.30 -8.64
N VAL A 69 -10.66 6.55 -8.33
CA VAL A 69 -10.57 5.09 -8.33
C VAL A 69 -10.15 4.62 -9.71
N ARG A 70 -9.21 3.67 -9.75
CA ARG A 70 -8.72 3.17 -11.03
C ARG A 70 -8.13 1.77 -10.88
N THR A 71 -8.67 0.83 -11.64
CA THR A 71 -8.11 -0.52 -11.65
C THR A 71 -6.70 -0.45 -12.23
N GLY A 72 -5.79 -1.27 -11.71
CA GLY A 72 -4.45 -1.36 -12.26
C GLY A 72 -3.57 -0.15 -11.99
N SER A 73 -3.90 0.64 -10.97
CA SER A 73 -3.19 1.87 -10.64
C SER A 73 -2.22 1.73 -9.47
N ALA A 74 -2.07 0.51 -8.95
CA ALA A 74 -1.19 0.30 -7.81
C ALA A 74 0.17 -0.27 -8.22
N ASP A 75 1.14 -0.05 -7.34
CA ASP A 75 2.54 -0.32 -7.64
C ASP A 75 3.14 -0.70 -6.30
N LEU A 76 3.27 -1.99 -6.05
CA LEU A 76 3.53 -2.48 -4.69
C LEU A 76 4.78 -3.32 -4.61
N CYS A 77 5.50 -3.21 -3.49
CA CYS A 77 6.67 -4.04 -3.25
C CYS A 77 6.53 -4.83 -1.95
N PHE A 78 6.54 -6.15 -2.09
CA PHE A 78 6.37 -7.07 -0.96
C PHE A 78 7.67 -7.78 -0.67
N ILE A 79 7.95 -8.01 0.61
CA ILE A 79 9.08 -8.82 1.00
C ILE A 79 8.64 -10.25 1.25
N THR A 80 9.41 -11.19 0.73
CA THR A 80 9.23 -12.61 1.06
C THR A 80 10.44 -13.12 1.83
N ASP A 81 10.20 -14.04 2.76
CA ASP A 81 11.31 -14.70 3.48
C ASP A 81 11.72 -15.97 2.76
N ILE A 82 10.96 -16.35 1.74
CA ILE A 82 11.30 -17.51 0.90
C ILE A 82 12.44 -17.14 -0.04
N ASP A 83 13.36 -18.07 -0.28
CA ASP A 83 14.45 -17.82 -1.21
C ASP A 83 13.89 -17.24 -2.52
N LEU A 84 14.44 -16.13 -2.99
CA LEU A 84 13.83 -15.43 -4.11
C LEU A 84 13.76 -16.29 -5.38
N SER A 85 14.80 -17.09 -5.63
CA SER A 85 14.80 -17.92 -6.83
C SER A 85 13.69 -18.97 -6.77
N ASP A 86 13.46 -19.50 -5.57
CA ASP A 86 12.38 -20.45 -5.36
C ASP A 86 11.02 -19.76 -5.54
N ALA A 87 10.89 -18.56 -4.98
CA ALA A 87 9.66 -17.79 -5.17
C ALA A 87 9.37 -17.51 -6.63
N MSE A 88 10.40 -17.14 -7.39
N MSE A 88 10.39 -17.12 -7.40
CA MSE A 88 10.21 -16.80 -8.78
CA MSE A 88 10.18 -16.79 -8.80
C MSE A 88 9.80 -18.03 -9.58
C MSE A 88 9.79 -18.03 -9.60
O MSE A 88 8.90 -17.96 -10.42
O MSE A 88 8.92 -17.98 -10.46
CB MSE A 88 11.50 -16.20 -9.35
CB MSE A 88 11.40 -16.12 -9.42
CG MSE A 88 11.26 -15.18 -10.43
CG MSE A 88 11.09 -15.40 -10.73
SE MSE A 88 12.93 -14.36 -11.00
SE MSE A 88 12.61 -14.44 -11.50
CE MSE A 88 13.53 -15.79 -12.20
CE MSE A 88 13.67 -14.25 -9.87
N GLU A 89 10.44 -19.15 -9.30
CA GLU A 89 10.08 -20.40 -9.98
C GLU A 89 8.63 -20.78 -9.70
N TYR A 90 8.23 -20.63 -8.44
CA TYR A 90 6.85 -20.89 -8.04
C TYR A 90 5.86 -20.02 -8.81
N VAL A 91 6.12 -18.72 -8.85
CA VAL A 91 5.23 -17.79 -9.54
C VAL A 91 5.15 -18.16 -11.02
N GLU A 92 6.29 -18.48 -11.62
CA GLU A 92 6.32 -18.90 -13.01
C GLU A 92 5.45 -20.13 -13.27
N ASN A 93 5.47 -21.07 -12.33
CA ASN A 93 4.73 -22.31 -12.48
C ASN A 93 3.22 -22.09 -12.37
N GLN A 94 2.82 -20.92 -11.87
CA GLN A 94 1.41 -20.55 -11.84
C GLN A 94 0.98 -19.98 -13.18
N GLY A 95 1.93 -19.91 -14.12
CA GLY A 95 1.66 -19.40 -15.44
C GLY A 95 1.86 -17.90 -15.57
N VAL A 96 2.38 -17.27 -14.52
CA VAL A 96 2.60 -15.82 -14.52
C VAL A 96 3.86 -15.43 -15.32
N VAL A 97 3.73 -14.41 -16.15
CA VAL A 97 4.86 -13.91 -16.92
C VAL A 97 5.71 -13.00 -16.04
N ILE A 98 6.99 -13.35 -15.90
CA ILE A 98 7.90 -12.51 -15.12
C ILE A 98 8.49 -11.44 -16.04
N MSE A 99 8.24 -10.19 -15.71
CA MSE A 99 8.71 -9.08 -16.53
C MSE A 99 10.23 -8.93 -16.48
O MSE A 99 10.87 -8.71 -17.52
CB MSE A 99 8.05 -7.78 -16.06
CG MSE A 99 6.55 -7.78 -16.29
SE MSE A 99 5.72 -6.39 -15.22
CE MSE A 99 6.80 -4.88 -15.78
N GLU A 100 10.78 -9.07 -15.28
CA GLU A 100 12.20 -8.79 -15.06
C GLU A 100 12.55 -9.41 -13.72
N GLY A 101 13.78 -9.88 -13.56
CA GLY A 101 14.23 -10.43 -12.29
C GLY A 101 15.09 -11.68 -12.42
N PRO A 102 15.97 -11.92 -11.45
CA PRO A 102 16.19 -11.12 -10.25
C PRO A 102 17.05 -9.90 -10.56
N VAL A 103 16.70 -8.75 -10.00
CA VAL A 103 17.46 -7.53 -10.25
C VAL A 103 17.65 -6.78 -8.94
N LYS A 104 18.75 -6.03 -8.84
CA LYS A 104 19.03 -5.25 -7.64
C LYS A 104 18.21 -3.96 -7.63
N ARG A 105 17.51 -3.74 -6.52
CA ARG A 105 16.66 -2.58 -6.36
C ARG A 105 16.82 -2.00 -4.96
N THR A 106 16.02 -1.00 -4.65
CA THR A 106 16.13 -0.32 -3.37
C THR A 106 14.88 -0.50 -2.52
N GLY A 107 15.07 -1.00 -1.30
CA GLY A 107 13.98 -1.15 -0.36
C GLY A 107 14.00 -0.02 0.64
N ALA A 108 13.03 -0.03 1.56
CA ALA A 108 12.96 0.97 2.62
C ALA A 108 14.20 0.96 3.50
N GLN A 109 14.76 -0.23 3.71
CA GLN A 109 15.82 -0.44 4.69
C GLN A 109 17.16 -0.82 4.06
N GLY A 110 17.29 -0.60 2.76
CA GLY A 110 18.52 -0.92 2.05
C GLY A 110 18.29 -1.68 0.77
N ALA A 111 19.38 -2.21 0.22
CA ALA A 111 19.33 -2.95 -1.04
C ALA A 111 18.45 -4.19 -0.96
N ILE A 112 17.67 -4.41 -2.01
CA ILE A 112 16.86 -5.61 -2.14
C ILE A 112 17.12 -6.26 -3.50
N THR A 113 16.71 -7.52 -3.63
CA THR A 113 16.70 -8.20 -4.92
C THR A 113 15.24 -8.46 -5.24
N SER A 114 14.83 -8.17 -6.48
CA SER A 114 13.41 -8.16 -6.86
C SER A 114 13.11 -8.93 -8.14
N PHE A 115 11.87 -9.41 -8.26
CA PHE A 115 11.32 -9.72 -9.57
C PHE A 115 9.94 -9.09 -9.67
N TYR A 116 9.46 -8.91 -10.90
CA TYR A 116 8.24 -8.15 -11.17
C TYR A 116 7.25 -8.93 -12.01
N PHE A 117 5.96 -8.72 -11.73
CA PHE A 117 4.91 -9.19 -12.62
C PHE A 117 3.65 -8.35 -12.40
N ARG A 118 2.66 -8.56 -13.25
CA ARG A 118 1.39 -7.84 -13.07
C ARG A 118 0.31 -8.75 -12.55
N ASP A 119 -0.62 -8.18 -11.78
CA ASP A 119 -1.80 -8.91 -11.35
C ASP A 119 -2.90 -8.83 -12.41
N PRO A 120 -4.07 -9.44 -12.14
CA PRO A 120 -5.12 -9.48 -13.17
C PRO A 120 -5.59 -8.12 -13.65
N ASP A 121 -5.42 -7.08 -12.85
CA ASP A 121 -5.85 -5.73 -13.26
C ASP A 121 -4.73 -4.87 -13.81
N GLY A 122 -3.51 -5.40 -13.82
CA GLY A 122 -2.37 -4.65 -14.28
C GLY A 122 -1.59 -3.93 -13.20
N ASN A 123 -1.96 -4.12 -11.94
CA ASN A 123 -1.16 -3.56 -10.87
C ASN A 123 0.24 -4.15 -10.95
N LEU A 124 1.24 -3.32 -10.66
CA LEU A 124 2.62 -3.81 -10.68
C LEU A 124 2.99 -4.42 -9.33
N ILE A 125 3.38 -5.68 -9.36
CA ILE A 125 3.76 -6.39 -8.14
C ILE A 125 5.25 -6.69 -8.17
N GLU A 126 5.97 -6.21 -7.16
CA GLU A 126 7.39 -6.47 -7.01
C GLU A 126 7.58 -7.34 -5.78
N VAL A 127 8.14 -8.53 -5.97
CA VAL A 127 8.41 -9.44 -4.86
C VAL A 127 9.91 -9.44 -4.61
N SER A 128 10.31 -9.24 -3.37
CA SER A 128 11.69 -8.91 -3.08
C SER A 128 12.18 -9.53 -1.79
N THR A 129 13.51 -9.53 -1.63
CA THR A 129 14.12 -9.95 -0.39
C THR A 129 15.30 -9.06 -0.03
N TYR A 130 15.60 -8.97 1.26
CA TYR A 130 16.80 -8.30 1.72
C TYR A 130 17.96 -9.29 1.79
N SER A 131 17.64 -10.58 1.70
CA SER A 131 18.67 -11.61 1.70
C SER A 131 19.63 -11.44 0.53
N ASN A 132 20.90 -11.76 0.79
CA ASN A 132 22.02 -11.31 -0.02
C ASN A 132 22.49 -12.33 -1.06
N MSE B 2 12.07 -30.99 -0.01
CA MSE B 2 11.64 -29.79 0.70
C MSE B 2 10.54 -29.06 -0.06
O MSE B 2 10.77 -28.07 -0.75
CB MSE B 2 12.82 -28.84 0.94
CG MSE B 2 13.53 -29.06 2.27
SE MSE B 2 13.03 -27.74 3.64
CE MSE B 2 11.69 -28.70 4.58
N GLU B 3 9.33 -29.60 0.06
CA GLU B 3 8.14 -28.90 -0.40
C GLU B 3 8.04 -27.59 0.37
N PHE B 4 7.43 -26.57 -0.23
CA PHE B 4 7.23 -25.31 0.47
C PHE B 4 5.95 -24.60 0.05
N LEU B 5 5.48 -23.70 0.89
CA LEU B 5 4.33 -22.86 0.58
C LEU B 5 4.80 -21.45 0.28
N MSE B 6 4.26 -20.86 -0.78
CA MSE B 6 4.57 -19.45 -1.05
C MSE B 6 3.96 -18.56 0.02
O MSE B 6 2.80 -18.73 0.41
CB MSE B 6 4.05 -19.06 -2.44
CG MSE B 6 4.38 -17.64 -2.82
SE MSE B 6 6.29 -17.31 -2.88
CE MSE B 6 6.20 -15.36 -3.03
N LYS B 7 4.74 -17.60 0.50
CA LYS B 7 4.31 -16.68 1.56
C LYS B 7 4.91 -15.30 1.38
N ILE B 8 4.13 -14.29 1.74
CA ILE B 8 4.61 -12.92 1.76
C ILE B 8 4.67 -12.47 3.22
N SER B 9 5.76 -11.80 3.59
CA SER B 9 5.97 -11.36 4.96
C SER B 9 5.30 -10.02 5.24
N HIS B 10 5.53 -9.04 4.37
CA HIS B 10 4.98 -7.70 4.59
C HIS B 10 5.16 -6.82 3.37
N LEU B 11 4.55 -5.65 3.39
CA LEU B 11 4.71 -4.69 2.31
C LEU B 11 5.89 -3.78 2.63
N ASP B 12 6.86 -3.73 1.73
CA ASP B 12 8.04 -2.89 1.97
C ASP B 12 7.77 -1.44 1.60
N HIS B 13 7.15 -1.23 0.46
CA HIS B 13 6.80 0.11 0.03
C HIS B 13 5.77 0.05 -1.08
N LEU B 14 5.26 1.23 -1.45
CA LEU B 14 4.38 1.36 -2.60
C LEU B 14 4.73 2.66 -3.30
N VAL B 15 4.23 2.84 -4.52
CA VAL B 15 4.55 4.04 -5.29
C VAL B 15 3.29 4.86 -5.49
N LEU B 16 3.36 6.15 -5.17
CA LEU B 16 2.30 7.09 -5.51
C LEU B 16 2.80 7.98 -6.63
N THR B 17 1.95 8.19 -7.62
CA THR B 17 2.22 9.15 -8.68
C THR B 17 1.43 10.42 -8.35
N VAL B 18 2.14 11.53 -8.28
CA VAL B 18 1.53 12.78 -7.79
C VAL B 18 1.77 13.95 -8.74
N ALA B 19 0.89 14.94 -8.70
CA ALA B 19 1.00 16.10 -9.58
C ALA B 19 2.24 16.93 -9.29
N ASP B 20 2.59 17.03 -8.01
CA ASP B 20 3.69 17.88 -7.59
C ASP B 20 4.36 17.27 -6.37
N ILE B 21 5.58 16.78 -6.55
CA ILE B 21 6.31 16.16 -5.45
C ILE B 21 6.52 17.08 -4.24
N PRO B 22 6.97 18.33 -4.46
CA PRO B 22 7.14 19.21 -3.30
C PRO B 22 5.87 19.43 -2.48
N THR B 23 4.73 19.60 -3.15
CA THR B 23 3.45 19.78 -2.47
C THR B 23 3.16 18.55 -1.62
N THR B 24 3.37 17.38 -2.21
CA THR B 24 3.16 16.12 -1.51
C THR B 24 4.10 15.92 -0.31
N THR B 25 5.39 16.17 -0.48
CA THR B 25 6.32 15.96 0.62
C THR B 25 6.03 16.94 1.77
N LYS B 26 5.74 18.19 1.45
CA LYS B 26 5.38 19.16 2.49
C LYS B 26 4.17 18.67 3.28
N PHE B 27 3.16 18.17 2.56
CA PHE B 27 1.96 17.67 3.20
C PHE B 27 2.22 16.50 4.14
N TYR B 28 2.87 15.45 3.64
CA TYR B 28 3.10 14.26 4.46
C TYR B 28 4.02 14.52 5.64
N GLU B 29 4.98 15.44 5.48
CA GLU B 29 5.83 15.82 6.60
C GLU B 29 5.04 16.58 7.66
N LYS B 30 4.28 17.58 7.23
CA LYS B 30 3.56 18.45 8.15
C LYS B 30 2.36 17.76 8.79
N VAL B 31 1.65 16.95 8.01
CA VAL B 31 0.39 16.37 8.48
C VAL B 31 0.58 15.02 9.17
N LEU B 32 1.47 14.18 8.62
CA LEU B 32 1.66 12.84 9.17
C LEU B 32 3.01 12.63 9.83
N GLY B 33 3.84 13.68 9.83
CA GLY B 33 5.15 13.60 10.45
C GLY B 33 6.11 12.63 9.79
N MSE B 34 5.90 12.36 8.51
CA MSE B 34 6.79 11.46 7.80
C MSE B 34 8.09 12.16 7.46
O MSE B 34 8.19 13.37 7.58
CB MSE B 34 6.12 10.90 6.54
CG MSE B 34 5.00 9.95 6.86
SE MSE B 34 4.19 9.20 5.28
CE MSE B 34 2.80 8.13 6.14
N LYS B 35 9.09 11.38 7.04
CA LYS B 35 10.42 11.88 6.78
C LYS B 35 10.67 11.83 5.28
N ALA B 36 10.71 12.98 4.63
CA ALA B 36 10.98 13.02 3.20
C ALA B 36 12.47 12.86 2.96
N VAL B 37 12.83 11.90 2.12
CA VAL B 37 14.23 11.67 1.79
C VAL B 37 14.42 11.64 0.28
N SER B 38 15.68 11.72 -0.16
CA SER B 38 16.00 11.54 -1.56
C SER B 38 17.18 10.59 -1.70
N PHE B 39 17.26 9.93 -2.85
CA PHE B 39 18.33 8.97 -3.09
C PHE B 39 18.55 8.80 -4.57
N GLY B 40 19.68 8.18 -4.92
CA GLY B 40 20.01 7.94 -6.31
C GLY B 40 19.90 9.17 -7.18
N SER B 41 19.43 8.98 -8.40
CA SER B 41 19.26 10.08 -9.34
C SER B 41 17.94 10.79 -9.10
N GLY B 42 17.89 11.58 -8.03
CA GLY B 42 16.73 12.41 -7.73
C GLY B 42 15.46 11.64 -7.45
N ARG B 43 15.59 10.45 -6.86
CA ARG B 43 14.43 9.70 -6.42
C ARG B 43 13.97 10.25 -5.08
N ILE B 44 12.65 10.37 -4.90
CA ILE B 44 12.10 10.92 -3.66
C ILE B 44 11.21 9.89 -2.97
N ALA B 45 11.31 9.83 -1.65
CA ALA B 45 10.46 8.92 -0.87
C ALA B 45 10.06 9.52 0.47
N LEU B 46 9.00 8.96 1.05
CA LEU B 46 8.55 9.32 2.39
C LEU B 46 8.72 8.12 3.32
N GLU B 47 9.48 8.31 4.40
CA GLU B 47 9.75 7.21 5.34
C GLU B 47 8.89 7.27 6.59
N PHE B 48 8.45 6.10 7.05
CA PHE B 48 7.71 5.99 8.30
C PHE B 48 7.97 4.60 8.83
N GLY B 49 8.23 4.48 10.13
CA GLY B 49 8.60 3.19 10.69
C GLY B 49 9.74 2.61 9.87
N HIS B 50 9.57 1.37 9.42
CA HIS B 50 10.57 0.69 8.60
C HIS B 50 10.11 0.51 7.15
N GLN B 51 9.14 1.31 6.73
CA GLN B 51 8.61 1.23 5.38
C GLN B 51 8.75 2.59 4.71
N LYS B 52 8.34 2.70 3.46
CA LYS B 52 8.36 3.99 2.78
C LYS B 52 7.34 4.02 1.66
N ILE B 53 7.07 5.22 1.18
CA ILE B 53 6.29 5.41 -0.04
C ILE B 53 7.19 6.13 -1.04
N ASN B 54 7.38 5.55 -2.21
CA ASN B 54 8.13 6.20 -3.28
C ASN B 54 7.20 7.15 -4.02
N LEU B 55 7.71 8.32 -4.39
CA LEU B 55 6.92 9.28 -5.13
C LEU B 55 7.45 9.43 -6.56
N HIS B 56 6.54 9.35 -7.53
CA HIS B 56 6.83 9.72 -8.93
C HIS B 56 6.02 10.95 -9.26
N GLN B 57 6.61 11.90 -9.96
CA GLN B 57 5.81 13.03 -10.43
C GLN B 57 5.16 12.67 -11.75
N LEU B 58 3.89 12.98 -11.87
CA LEU B 58 3.16 12.73 -13.11
C LEU B 58 3.93 13.37 -14.27
N GLY B 59 4.22 12.57 -15.29
CA GLY B 59 4.97 13.03 -16.45
C GLY B 59 6.46 12.75 -16.34
N HIS B 60 6.86 12.20 -15.20
CA HIS B 60 8.26 11.85 -14.95
C HIS B 60 8.32 10.54 -14.18
N GLU B 61 7.54 9.58 -14.65
CA GLU B 61 7.38 8.30 -13.98
C GLU B 61 8.54 7.40 -14.31
N PHE B 62 8.80 6.43 -13.44
CA PHE B 62 9.89 5.48 -13.66
C PHE B 62 9.36 4.09 -13.94
N GLU B 63 10.03 3.38 -14.84
CA GLU B 63 9.61 2.06 -15.30
C GLU B 63 10.36 0.97 -14.55
N PRO B 64 9.68 -0.14 -14.23
CA PRO B 64 8.27 -0.39 -14.58
C PRO B 64 7.37 0.30 -13.56
N LYS B 65 6.11 0.48 -13.92
CA LYS B 65 5.16 1.18 -13.08
C LYS B 65 3.78 0.54 -13.21
N ALA B 66 2.81 1.07 -12.48
CA ALA B 66 1.42 0.60 -12.60
C ALA B 66 0.95 0.65 -14.06
N GLN B 67 0.09 -0.28 -14.45
CA GLN B 67 -0.42 -0.27 -15.83
C GLN B 67 -1.18 1.02 -16.14
N ASN B 68 -2.02 1.44 -15.19
CA ASN B 68 -2.86 2.61 -15.36
C ASN B 68 -2.52 3.61 -14.27
N VAL B 69 -1.43 4.36 -14.46
CA VAL B 69 -0.99 5.34 -13.49
C VAL B 69 -2.10 6.37 -13.31
N ARG B 70 -2.37 6.73 -12.06
CA ARG B 70 -3.46 7.66 -11.79
C ARG B 70 -3.21 8.42 -10.50
N THR B 71 -3.14 9.75 -10.59
CA THR B 71 -3.04 10.55 -9.38
C THR B 71 -4.34 10.43 -8.58
N GLY B 72 -4.24 10.40 -7.25
CA GLY B 72 -5.43 10.31 -6.43
C GLY B 72 -6.14 8.96 -6.39
N SER B 73 -5.45 7.89 -6.78
CA SER B 73 -6.06 6.57 -6.90
C SER B 73 -5.76 5.65 -5.72
N ALA B 74 -5.03 6.16 -4.73
CA ALA B 74 -4.62 5.36 -3.58
C ALA B 74 -5.56 5.54 -2.40
N ASP B 75 -5.58 4.53 -1.54
CA ASP B 75 -6.52 4.45 -0.43
C ASP B 75 -5.74 3.68 0.63
N LEU B 76 -5.19 4.40 1.60
CA LEU B 76 -4.17 3.86 2.51
C LEU B 76 -4.54 4.02 3.98
N CYS B 77 -4.22 3.03 4.79
CA CYS B 77 -4.49 3.10 6.22
C CYS B 77 -3.20 3.00 7.02
N PHE B 78 -2.91 4.05 7.78
CA PHE B 78 -1.70 4.13 8.59
C PHE B 78 -2.05 4.06 10.06
N ILE B 79 -1.27 3.29 10.82
CA ILE B 79 -1.44 3.21 12.28
C ILE B 79 -0.58 4.28 12.95
N THR B 80 -1.14 4.95 13.95
CA THR B 80 -0.35 5.86 14.78
C THR B 80 -0.35 5.34 16.22
N ASP B 81 0.73 5.62 16.95
CA ASP B 81 0.76 5.30 18.38
C ASP B 81 0.40 6.50 19.26
N ILE B 82 0.00 7.58 18.61
CA ILE B 82 -0.51 8.77 19.27
C ILE B 82 -1.99 8.58 19.60
N ASP B 83 -2.43 9.13 20.72
CA ASP B 83 -3.85 9.05 21.08
C ASP B 83 -4.66 9.60 19.90
N LEU B 84 -5.68 8.86 19.46
CA LEU B 84 -6.37 9.23 18.22
C LEU B 84 -6.99 10.62 18.29
N SER B 85 -7.56 10.99 19.44
CA SER B 85 -8.12 12.33 19.55
C SER B 85 -7.05 13.41 19.38
N ASP B 86 -5.86 13.17 19.91
CA ASP B 86 -4.74 14.09 19.71
C ASP B 86 -4.36 14.14 18.23
N ALA B 87 -4.35 12.97 17.58
CA ALA B 87 -3.99 12.89 16.17
C ALA B 87 -4.95 13.70 15.32
N MSE B 88 -6.24 13.56 15.61
N MSE B 88 -6.24 13.55 15.59
CA MSE B 88 -7.25 14.31 14.87
CA MSE B 88 -7.27 14.30 14.87
C MSE B 88 -7.12 15.80 15.08
C MSE B 88 -7.12 15.80 15.08
O MSE B 88 -7.18 16.59 14.14
O MSE B 88 -7.19 16.58 14.14
CB MSE B 88 -8.65 13.84 15.28
CB MSE B 88 -8.68 13.86 15.28
CG MSE B 88 -8.92 12.40 14.96
CG MSE B 88 -9.31 12.86 14.33
SE MSE B 88 -10.76 11.90 15.31
SE MSE B 88 -11.21 12.52 14.67
CE MSE B 88 -11.62 13.27 14.22
CE MSE B 88 -11.03 11.84 16.50
N GLU B 89 -6.92 16.20 16.33
CA GLU B 89 -6.73 17.62 16.65
C GLU B 89 -5.53 18.16 15.88
N TYR B 90 -4.45 17.39 15.85
CA TYR B 90 -3.24 17.82 15.15
C TYR B 90 -3.51 18.01 13.66
N VAL B 91 -4.14 17.02 13.03
CA VAL B 91 -4.40 17.11 11.61
C VAL B 91 -5.28 18.32 11.29
N GLU B 92 -6.38 18.48 12.03
CA GLU B 92 -7.23 19.64 11.86
C GLU B 92 -6.47 20.95 12.05
N ASN B 93 -5.54 20.95 13.00
CA ASN B 93 -4.74 22.14 13.28
C ASN B 93 -3.81 22.50 12.14
N GLN B 94 -3.62 21.58 11.19
CA GLN B 94 -2.83 21.90 10.01
C GLN B 94 -3.73 22.45 8.89
N GLY B 95 -5.01 22.57 9.18
CA GLY B 95 -5.96 23.14 8.23
C GLY B 95 -6.61 22.10 7.35
N VAL B 96 -6.42 20.83 7.74
CA VAL B 96 -6.94 19.70 6.96
C VAL B 96 -8.34 19.29 7.41
N VAL B 97 -9.22 19.09 6.43
CA VAL B 97 -10.60 18.74 6.70
C VAL B 97 -10.74 17.24 6.96
N ILE B 98 -11.18 16.90 8.17
CA ILE B 98 -11.45 15.50 8.50
C ILE B 98 -12.84 15.15 8.00
N MSE B 99 -12.90 14.18 7.10
N MSE B 99 -12.91 14.17 7.11
CA MSE B 99 -14.15 13.80 6.47
CA MSE B 99 -14.19 13.85 6.47
C MSE B 99 -15.07 13.05 7.42
C MSE B 99 -15.08 12.89 7.27
O MSE B 99 -16.28 13.28 7.45
O MSE B 99 -16.28 12.83 7.03
CB MSE B 99 -13.88 12.92 5.26
CB MSE B 99 -13.98 13.33 5.04
CG MSE B 99 -13.01 13.59 4.22
CG MSE B 99 -13.47 11.92 4.96
SE MSE B 99 -12.07 12.30 3.14
SE MSE B 99 -13.00 11.50 3.12
CE MSE B 99 -13.62 11.23 2.58
CE MSE B 99 -11.81 13.01 2.80
N GLU B 100 -14.48 12.15 8.20
CA GLU B 100 -15.25 11.26 9.06
C GLU B 100 -14.33 10.74 10.14
N GLY B 101 -14.89 10.43 11.30
CA GLY B 101 -14.13 9.88 12.41
C GLY B 101 -14.38 10.63 13.70
N PRO B 102 -14.08 10.00 14.85
CA PRO B 102 -13.52 8.64 14.93
C PRO B 102 -14.60 7.57 14.68
N VAL B 103 -14.27 6.58 13.85
CA VAL B 103 -15.22 5.50 13.56
C VAL B 103 -14.55 4.14 13.69
N LYS B 104 -15.33 3.14 14.10
CA LYS B 104 -14.80 1.79 14.27
C LYS B 104 -14.67 1.11 12.93
N ARG B 105 -13.50 0.51 12.70
CA ARG B 105 -13.25 -0.23 11.46
C ARG B 105 -12.50 -1.53 11.75
N THR B 106 -12.25 -2.30 10.71
CA THR B 106 -11.53 -3.54 10.84
C THR B 106 -10.11 -3.37 10.31
N GLY B 107 -9.13 -3.56 11.17
CA GLY B 107 -7.74 -3.54 10.76
C GLY B 107 -7.26 -4.95 10.49
N ALA B 108 -6.03 -5.05 9.98
CA ALA B 108 -5.44 -6.35 9.67
C ALA B 108 -5.47 -7.30 10.86
N GLN B 109 -5.28 -6.75 12.06
CA GLN B 109 -5.05 -7.56 13.25
C GLN B 109 -6.22 -7.52 14.22
N GLY B 110 -7.28 -6.81 13.85
CA GLY B 110 -8.47 -6.73 14.68
C GLY B 110 -9.11 -5.37 14.59
N ALA B 111 -9.95 -5.05 15.57
CA ALA B 111 -10.67 -3.79 15.56
C ALA B 111 -9.75 -2.57 15.67
N ILE B 112 -10.04 -1.56 14.87
CA ILE B 112 -9.33 -0.29 14.96
C ILE B 112 -10.33 0.85 15.00
N THR B 113 -9.87 2.02 15.38
CA THR B 113 -10.65 3.24 15.28
C THR B 113 -9.95 4.18 14.30
N SER B 114 -10.72 4.76 13.37
CA SER B 114 -10.14 5.48 12.24
C SER B 114 -10.70 6.89 12.08
N PHE B 115 -9.92 7.77 11.45
CA PHE B 115 -10.46 9.00 10.86
C PHE B 115 -9.87 9.18 9.46
N TYR B 116 -10.52 10.00 8.65
CA TYR B 116 -10.20 10.07 7.22
C TYR B 116 -9.99 11.50 6.74
N PHE B 117 -9.08 11.66 5.79
CA PHE B 117 -8.94 12.92 5.07
C PHE B 117 -8.26 12.63 3.75
N ARG B 118 -8.13 13.64 2.90
CA ARG B 118 -7.49 13.44 1.60
C ARG B 118 -6.16 14.17 1.50
N ASP B 119 -5.23 13.59 0.74
CA ASP B 119 -3.96 14.26 0.49
C ASP B 119 -4.11 15.19 -0.72
N PRO B 120 -3.04 15.92 -1.08
CA PRO B 120 -3.20 16.95 -2.12
C PRO B 120 -3.63 16.45 -3.50
N ASP B 121 -3.46 15.16 -3.78
CA ASP B 121 -3.92 14.56 -5.03
C ASP B 121 -5.29 13.87 -4.93
N GLY B 122 -5.86 13.88 -3.72
CA GLY B 122 -7.15 13.25 -3.51
C GLY B 122 -7.06 11.81 -3.05
N ASN B 123 -5.85 11.30 -2.84
CA ASN B 123 -5.71 9.97 -2.23
C ASN B 123 -6.44 9.97 -0.89
N LEU B 124 -7.09 8.86 -0.57
CA LEU B 124 -7.81 8.73 0.70
C LEU B 124 -6.86 8.22 1.78
N ILE B 125 -6.74 8.99 2.86
CA ILE B 125 -5.87 8.62 3.96
C ILE B 125 -6.70 8.31 5.20
N GLU B 126 -6.48 7.12 5.75
CA GLU B 126 -7.16 6.66 6.93
C GLU B 126 -6.10 6.53 8.01
N VAL B 127 -6.24 7.30 9.09
CA VAL B 127 -5.32 7.21 10.21
C VAL B 127 -6.02 6.53 11.35
N SER B 128 -5.36 5.53 11.94
CA SER B 128 -6.05 4.61 12.85
C SER B 128 -5.24 4.20 14.06
N THR B 129 -5.94 3.71 15.07
CA THR B 129 -5.29 3.21 16.28
C THR B 129 -5.85 1.84 16.63
N TYR B 130 -5.03 1.00 17.26
CA TYR B 130 -5.51 -0.27 17.81
C TYR B 130 -5.99 -0.14 19.25
N SER B 131 -5.84 1.06 19.82
CA SER B 131 -6.31 1.31 21.19
C SER B 131 -7.84 1.21 21.31
N ASN B 132 -8.30 0.34 22.20
CA ASN B 132 -9.74 0.15 22.40
C ASN B 132 -10.37 1.30 23.17
S SO4 C . 14.06 1.19 -7.21
O1 SO4 C . 13.34 0.74 -8.41
O2 SO4 C . 13.46 2.44 -6.73
O3 SO4 C . 13.96 0.17 -6.18
O4 SO4 C . 15.46 1.43 -7.54
S SO4 D . -15.93 2.01 -7.89
O1 SO4 D . -17.34 1.83 -7.59
O2 SO4 D . -15.13 1.23 -6.96
O3 SO4 D . -15.65 1.60 -9.26
O4 SO4 D . -15.59 3.42 -7.73
#